data_2BW3
#
_entry.id   2BW3
#
_cell.length_a   116.353
_cell.length_b   84.974
_cell.length_c   73.856
_cell.angle_alpha   90.00
_cell.angle_beta   93.71
_cell.angle_gamma   90.00
#
_symmetry.space_group_name_H-M   'C 1 2 1'
#
loop_
_entity.id
_entity.type
_entity.pdbx_description
1 polymer TRANSPOSASE
2 polymer TRANSPOSASE
3 water water
#
loop_
_entity_poly.entity_id
_entity_poly.type
_entity_poly.pdbx_seq_one_letter_code
_entity_poly.pdbx_strand_id
1 'polypeptide(L)'
;SH(MSE)QSRELKTVSADCKKEAIEKCAQWVVRDCRPFSAVSGSGFID(MSE)IKFFIKVKAEYGEHVNVEELLPSPITL
SRKVTSDAKEKKALIGREIKSAVEKDGASATIDLWTDNYIKRNFLGVTLHYHENNELRDLILGLKSLDFERSTAENIYKK
LKAIFSQFNVEDLSSIKFVTDRGANVVKSLANNIRINCSSHLLSNVLENSFEETPELN(MSE)PILACKNIVKYFKKANL
QHRLRSSLKSECPTRWNSTYT(MSE)LRSILDNWESVIQILSEAGETQRIVHINKSIIQT(MSE)VNILDGFERIFKELQ
TCSSPSLCFVVPSILKVKEICSPDVGDVADIAKLKVNIIKNVRIIWEENLSIWHYTAFFFYPPALH(MSE)QQEKVAQIK
EFCLSK(MSE)EDLELINR(MSE)SSFNELSATQLNQSDSNSHNSIDLTSHSKDISTTSFFFPQLTQNNSREPPVCPSDE
FEFYRKEIVILSEDFKV(MSE)EWWNLNSKKYPKLSKLALSLLSIPASSAASERTFSLAGNIITEKRNRIGQQTVDSLLF
LNSFYKNFCK
;
A
2 'polypeptide(L)'
;SH(MSE)QSRELKTVSADCKKEAIEKCAQWVVRDCRPFSAVSGSGFID(MSE)IKFFIKVGAEYGDHVNVEELLPSPITL
SRKVTSDAKEKA
;
B
#
# COMPACT_ATOMS: atom_id res chain seq x y z
N SER A 1 12.01 -18.32 -21.26
CA SER A 1 13.06 -19.09 -21.93
C SER A 1 13.58 -20.24 -21.06
N HIS A 2 12.70 -20.80 -20.23
CA HIS A 2 13.05 -21.92 -19.35
C HIS A 2 13.02 -23.27 -20.07
N MSE A 3 13.84 -23.32 -21.11
CA MSE A 3 14.01 -24.49 -21.93
C MSE A 3 14.74 -25.53 -21.09
O MSE A 3 14.54 -26.73 -21.25
CB MSE A 3 14.86 -24.13 -23.14
CG MSE A 3 14.23 -23.01 -23.92
SE MSE A 3 15.31 -22.46 -25.38
CE MSE A 3 15.72 -20.66 -24.76
N GLN A 4 15.58 -25.05 -20.18
CA GLN A 4 16.31 -25.95 -19.30
C GLN A 4 15.63 -25.92 -17.92
N SER A 5 15.42 -27.10 -17.35
CA SER A 5 14.79 -27.25 -16.02
C SER A 5 15.38 -26.36 -14.90
N ARG A 6 16.70 -26.31 -14.77
CA ARG A 6 17.36 -25.49 -13.75
C ARG A 6 17.21 -25.98 -12.30
N GLU A 7 17.92 -27.04 -11.95
CA GLU A 7 17.87 -27.58 -10.59
C GLU A 7 18.84 -26.77 -9.71
N LEU A 8 18.42 -26.46 -8.49
CA LEU A 8 19.26 -25.70 -7.57
C LEU A 8 19.90 -26.67 -6.56
N LYS A 9 21.16 -26.43 -6.23
CA LYS A 9 21.86 -27.29 -5.27
C LYS A 9 21.48 -26.93 -3.83
N THR A 10 21.14 -27.96 -3.05
CA THR A 10 20.85 -27.77 -1.62
C THR A 10 22.19 -28.00 -0.93
N VAL A 11 22.63 -27.02 -0.13
CA VAL A 11 23.91 -27.11 0.55
C VAL A 11 23.88 -28.15 1.68
N SER A 12 25.04 -28.48 2.22
CA SER A 12 25.14 -29.44 3.31
C SER A 12 24.53 -28.91 4.61
N ALA A 13 24.23 -29.85 5.51
CA ALA A 13 23.65 -29.52 6.80
C ALA A 13 24.53 -28.53 7.55
N ASP A 14 25.85 -28.73 7.49
CA ASP A 14 26.78 -27.85 8.19
C ASP A 14 26.85 -26.45 7.59
N CYS A 15 26.66 -26.36 6.28
CA CYS A 15 26.72 -25.07 5.59
C CYS A 15 25.47 -24.28 6.01
N LYS A 16 24.35 -24.97 5.99
CA LYS A 16 23.06 -24.43 6.37
C LYS A 16 23.15 -23.88 7.80
N LYS A 17 23.82 -24.64 8.67
CA LYS A 17 23.98 -24.23 10.06
C LYS A 17 24.84 -22.96 10.19
N GLU A 18 25.92 -22.93 9.42
CA GLU A 18 26.79 -21.75 9.44
C GLU A 18 26.05 -20.55 8.86
N ALA A 19 25.17 -20.78 7.89
CA ALA A 19 24.40 -19.70 7.28
C ALA A 19 23.54 -18.99 8.33
N ILE A 20 22.80 -19.77 9.11
CA ILE A 20 21.94 -19.23 10.16
C ILE A 20 22.77 -18.47 11.21
N GLU A 21 23.94 -18.98 11.53
CA GLU A 21 24.81 -18.29 12.47
C GLU A 21 25.26 -16.95 11.88
N LYS A 22 25.58 -16.92 10.57
CA LYS A 22 26.03 -15.67 9.96
C LYS A 22 24.90 -14.66 9.90
N CYS A 23 23.68 -15.13 9.64
CA CYS A 23 22.51 -14.23 9.58
C CYS A 23 22.19 -13.68 10.99
N ALA A 24 22.38 -14.51 12.01
CA ALA A 24 22.12 -14.12 13.39
C ALA A 24 23.12 -13.03 13.80
N GLN A 25 24.40 -13.24 13.50
CA GLN A 25 25.41 -12.25 13.87
C GLN A 25 25.19 -10.96 13.06
N TRP A 26 24.65 -11.06 11.86
CA TRP A 26 24.35 -9.86 11.06
C TRP A 26 23.25 -9.07 11.78
N VAL A 27 22.09 -9.69 12.04
CA VAL A 27 21.02 -8.94 12.68
C VAL A 27 21.34 -8.41 14.09
N VAL A 28 22.21 -9.11 14.80
CA VAL A 28 22.59 -8.69 16.14
C VAL A 28 23.64 -7.59 16.14
N ARG A 29 24.76 -7.82 15.46
CA ARG A 29 25.85 -6.84 15.45
C ARG A 29 25.50 -5.55 14.73
N ASP A 30 24.58 -5.61 13.78
CA ASP A 30 24.20 -4.45 12.97
C ASP A 30 22.81 -3.95 13.36
N CYS A 31 22.13 -4.64 14.27
CA CYS A 31 20.80 -4.25 14.75
C CYS A 31 19.78 -4.12 13.61
N ARG A 32 19.55 -5.23 12.93
CA ARG A 32 18.61 -5.27 11.80
C ARG A 32 17.40 -6.11 12.20
N PRO A 33 16.23 -5.84 11.61
CA PRO A 33 15.06 -6.63 11.98
C PRO A 33 15.12 -8.04 11.38
N PHE A 34 14.49 -9.01 12.04
CA PHE A 34 14.50 -10.39 11.57
C PHE A 34 13.89 -10.50 10.18
N SER A 35 12.89 -9.70 9.87
CA SER A 35 12.28 -9.73 8.55
C SER A 35 13.29 -9.40 7.42
N ALA A 36 14.41 -8.75 7.76
CA ALA A 36 15.40 -8.39 6.73
C ALA A 36 15.92 -9.61 5.95
N VAL A 37 15.94 -10.77 6.59
CA VAL A 37 16.47 -11.96 5.94
C VAL A 37 15.52 -12.56 4.90
N SER A 38 14.27 -12.12 4.92
CA SER A 38 13.22 -12.60 4.03
C SER A 38 12.96 -11.69 2.80
N GLY A 39 13.51 -10.48 2.79
CA GLY A 39 13.25 -9.59 1.68
C GLY A 39 13.59 -10.16 0.31
N SER A 40 12.77 -9.86 -0.70
CA SER A 40 13.09 -10.39 -2.02
C SER A 40 14.32 -9.68 -2.60
N GLY A 41 14.55 -8.42 -2.22
CA GLY A 41 15.74 -7.72 -2.71
C GLY A 41 16.98 -8.37 -2.08
N PHE A 42 16.85 -8.69 -0.79
CA PHE A 42 17.92 -9.34 -0.03
C PHE A 42 18.26 -10.69 -0.67
N ILE A 43 17.25 -11.49 -0.96
CA ILE A 43 17.47 -12.81 -1.58
C ILE A 43 18.17 -12.70 -2.94
N ASP A 44 17.79 -11.74 -3.77
CA ASP A 44 18.44 -11.57 -5.07
C ASP A 44 19.89 -11.09 -4.93
N MSE A 45 20.14 -10.26 -3.92
CA MSE A 45 21.49 -9.77 -3.67
C MSE A 45 22.38 -10.96 -3.20
O MSE A 45 23.54 -11.05 -3.59
CB MSE A 45 21.48 -8.69 -2.59
CG MSE A 45 22.87 -8.19 -2.26
SE MSE A 45 22.83 -6.84 -0.86
CE MSE A 45 24.66 -6.77 -0.40
N ILE A 46 21.85 -11.82 -2.31
CA ILE A 46 22.63 -12.98 -1.84
C ILE A 46 22.95 -13.91 -3.02
N LYS A 47 21.98 -14.09 -3.91
CA LYS A 47 22.22 -14.91 -5.10
C LYS A 47 23.41 -14.36 -5.92
N PHE A 48 23.47 -13.04 -6.03
CA PHE A 48 24.55 -12.39 -6.74
C PHE A 48 25.91 -12.65 -6.06
N PHE A 49 26.00 -12.47 -4.75
CA PHE A 49 27.29 -12.72 -4.09
C PHE A 49 27.77 -14.18 -4.19
N ILE A 50 26.83 -15.11 -4.21
CA ILE A 50 27.16 -16.52 -4.35
C ILE A 50 27.75 -16.68 -5.77
N LYS A 51 27.12 -15.98 -6.72
CA LYS A 51 27.58 -16.02 -8.13
C LYS A 51 29.01 -15.46 -8.23
N VAL A 52 29.29 -14.40 -7.48
CA VAL A 52 30.64 -13.80 -7.46
C VAL A 52 31.66 -14.84 -6.92
N LYS A 53 31.28 -15.53 -5.85
CA LYS A 53 32.15 -16.56 -5.29
C LYS A 53 32.43 -17.69 -6.27
N ALA A 54 31.43 -18.07 -7.03
CA ALA A 54 31.58 -19.15 -8.01
C ALA A 54 32.59 -18.74 -9.08
N GLU A 55 32.59 -17.46 -9.45
CA GLU A 55 33.51 -16.99 -10.47
C GLU A 55 34.91 -16.66 -9.98
N TYR A 56 35.00 -16.04 -8.81
CA TYR A 56 36.29 -15.60 -8.27
C TYR A 56 36.89 -16.40 -7.13
N GLY A 57 36.14 -17.36 -6.60
CA GLY A 57 36.67 -18.13 -5.49
C GLY A 57 36.41 -17.37 -4.19
N GLU A 58 36.86 -17.92 -3.07
CA GLU A 58 36.58 -17.26 -1.79
C GLU A 58 37.37 -16.02 -1.41
N HIS A 59 38.58 -15.89 -1.92
CA HIS A 59 39.45 -14.78 -1.57
C HIS A 59 39.27 -13.49 -2.35
N VAL A 60 38.02 -13.03 -2.41
CA VAL A 60 37.68 -11.79 -3.09
C VAL A 60 37.86 -10.66 -2.10
N ASN A 61 38.34 -9.51 -2.58
CA ASN A 61 38.48 -8.35 -1.71
C ASN A 61 37.03 -7.83 -1.54
N VAL A 62 36.36 -8.21 -0.47
CA VAL A 62 34.96 -7.82 -0.24
C VAL A 62 34.73 -6.35 0.07
N GLU A 63 35.63 -5.74 0.84
CA GLU A 63 35.48 -4.33 1.18
C GLU A 63 35.53 -3.46 -0.08
N GLU A 64 36.30 -3.91 -1.08
CA GLU A 64 36.43 -3.20 -2.35
C GLU A 64 35.23 -3.46 -3.27
N LEU A 65 34.79 -4.72 -3.33
CA LEU A 65 33.65 -5.14 -4.14
C LEU A 65 32.35 -4.41 -3.72
N LEU A 66 32.12 -4.31 -2.42
CA LEU A 66 30.92 -3.67 -1.92
C LEU A 66 30.84 -2.19 -2.18
N PRO A 67 29.68 -1.73 -2.63
CA PRO A 67 29.60 -0.27 -2.85
C PRO A 67 29.47 0.38 -1.46
N SER A 68 29.82 1.65 -1.37
CA SER A 68 29.69 2.40 -0.14
C SER A 68 28.25 2.91 -0.09
N PRO A 69 27.77 3.33 1.10
CA PRO A 69 26.40 3.87 1.30
C PRO A 69 26.18 5.07 0.36
N ILE A 70 27.24 5.86 0.19
CA ILE A 70 27.23 7.07 -0.67
C ILE A 70 26.97 6.72 -2.13
N THR A 71 27.67 5.72 -2.63
CA THR A 71 27.49 5.29 -4.02
C THR A 71 26.05 4.76 -4.21
N LEU A 72 25.55 4.04 -3.21
CA LEU A 72 24.17 3.49 -3.29
C LEU A 72 23.17 4.60 -3.31
N SER A 73 23.39 5.63 -2.49
CA SER A 73 22.49 6.76 -2.48
C SER A 73 22.45 7.40 -3.86
N ARG A 74 23.62 7.67 -4.45
CA ARG A 74 23.65 8.25 -5.81
C ARG A 74 22.93 7.37 -6.81
N LYS A 75 23.14 6.05 -6.71
CA LYS A 75 22.52 5.10 -7.66
C LYS A 75 20.98 5.12 -7.58
N VAL A 76 20.45 5.13 -6.37
CA VAL A 76 19.00 5.18 -6.20
C VAL A 76 18.47 6.46 -6.84
N THR A 77 19.13 7.59 -6.55
CA THR A 77 18.74 8.86 -7.12
C THR A 77 18.79 8.86 -8.64
N SER A 78 19.88 8.36 -9.23
CA SER A 78 19.94 8.34 -10.69
C SER A 78 18.99 7.36 -11.35
N ASP A 79 18.75 6.21 -10.72
CA ASP A 79 17.83 5.21 -11.31
C ASP A 79 16.39 5.79 -11.31
N ALA A 80 16.02 6.45 -10.24
CA ALA A 80 14.68 7.03 -10.14
C ALA A 80 14.50 8.06 -11.27
N LYS A 81 15.55 8.83 -11.57
CA LYS A 81 15.44 9.78 -12.67
C LYS A 81 15.24 9.04 -13.97
N GLU A 82 15.98 7.95 -14.19
CA GLU A 82 15.80 7.20 -15.44
C GLU A 82 14.37 6.65 -15.57
N LYS A 83 13.85 6.06 -14.50
CA LYS A 83 12.50 5.47 -14.56
C LYS A 83 11.40 6.55 -14.78
N LYS A 84 11.61 7.72 -14.16
CA LYS A 84 10.66 8.84 -14.30
C LYS A 84 10.61 9.26 -15.75
N ALA A 85 11.75 9.23 -16.44
CA ALA A 85 11.79 9.61 -17.85
C ALA A 85 11.14 8.54 -18.69
N LEU A 86 11.35 7.29 -18.31
CA LEU A 86 10.79 6.15 -19.04
C LEU A 86 9.26 6.17 -19.03
N ILE A 87 8.66 6.46 -17.89
CA ILE A 87 7.20 6.47 -17.87
C ILE A 87 6.53 7.83 -17.84
N GLY A 88 7.33 8.88 -18.03
CA GLY A 88 6.83 10.24 -17.99
C GLY A 88 5.66 10.48 -18.93
N ARG A 89 5.77 10.00 -20.16
CA ARG A 89 4.72 10.19 -21.13
C ARG A 89 3.41 9.50 -20.72
N GLU A 90 3.54 8.28 -20.22
CA GLU A 90 2.42 7.50 -19.76
C GLU A 90 1.68 8.22 -18.62
N ILE A 91 2.45 8.76 -17.68
CA ILE A 91 1.86 9.48 -16.54
C ILE A 91 1.14 10.75 -16.99
N LYS A 92 1.78 11.55 -17.85
CA LYS A 92 1.15 12.79 -18.31
C LYS A 92 -0.12 12.49 -19.12
N SER A 93 -0.09 11.43 -19.90
CA SER A 93 -1.23 11.03 -20.71
C SER A 93 -2.41 10.58 -19.85
N ALA A 94 -2.13 9.84 -18.78
CA ALA A 94 -3.18 9.38 -17.87
C ALA A 94 -3.86 10.60 -17.24
N VAL A 95 -3.06 11.57 -16.82
CA VAL A 95 -3.61 12.78 -16.21
C VAL A 95 -4.45 13.55 -17.24
N GLU A 96 -3.89 13.81 -18.40
CA GLU A 96 -4.58 14.55 -19.45
C GLU A 96 -5.89 13.93 -19.92
N LYS A 97 -5.91 12.61 -20.08
CA LYS A 97 -7.11 11.94 -20.57
C LYS A 97 -8.12 11.50 -19.49
N ASP A 98 -8.18 12.23 -18.39
CA ASP A 98 -9.15 11.93 -17.33
C ASP A 98 -9.00 10.52 -16.75
N GLY A 99 -7.78 9.99 -16.73
CA GLY A 99 -7.62 8.66 -16.16
C GLY A 99 -6.79 8.60 -14.91
N ALA A 100 -6.51 9.74 -14.31
CA ALA A 100 -5.67 9.74 -13.12
C ALA A 100 -6.34 10.13 -11.82
N SER A 101 -5.89 9.50 -10.73
CA SER A 101 -6.39 9.84 -9.41
C SER A 101 -5.18 9.87 -8.48
N ALA A 102 -5.32 10.51 -7.32
CA ALA A 102 -4.21 10.56 -6.39
C ALA A 102 -4.73 10.35 -4.98
N THR A 103 -4.11 9.45 -4.23
CA THR A 103 -4.51 9.30 -2.84
C THR A 103 -3.60 10.18 -2.02
N ILE A 104 -4.19 10.94 -1.11
CA ILE A 104 -3.42 11.85 -0.25
C ILE A 104 -3.53 11.28 1.17
N ASP A 105 -2.43 10.74 1.67
CA ASP A 105 -2.42 10.10 2.99
C ASP A 105 -1.70 11.03 3.96
N LEU A 106 -2.42 11.44 4.99
CA LEU A 106 -1.89 12.34 6.01
C LEU A 106 -1.98 11.78 7.39
N TRP A 107 -0.86 11.81 8.11
CA TRP A 107 -0.88 11.36 9.49
C TRP A 107 0.07 12.22 10.30
N THR A 108 -0.19 12.32 11.60
CA THR A 108 0.66 13.08 12.51
C THR A 108 1.58 12.12 13.27
N ASP A 109 2.86 12.40 13.25
CA ASP A 109 3.78 11.57 14.00
C ASP A 109 4.13 12.41 15.23
N ASN A 110 3.64 11.99 16.39
CA ASN A 110 3.89 12.72 17.64
C ASN A 110 5.24 12.51 18.29
N TYR A 111 5.99 11.51 17.84
CA TYR A 111 7.31 11.28 18.38
C TYR A 111 8.28 12.21 17.63
N ILE A 112 8.22 12.18 16.31
CA ILE A 112 9.08 12.99 15.44
C ILE A 112 8.59 14.44 15.39
N LYS A 113 7.35 14.65 15.83
CA LYS A 113 6.74 15.98 15.80
C LYS A 113 6.77 16.46 14.35
N ARG A 114 6.10 15.71 13.49
CA ARG A 114 6.06 16.02 12.08
C ARG A 114 4.78 15.41 11.46
N ASN A 115 4.19 16.10 10.49
CA ASN A 115 3.02 15.57 9.81
C ASN A 115 3.54 14.97 8.52
N PHE A 116 3.00 13.84 8.12
CA PHE A 116 3.43 13.20 6.89
C PHE A 116 2.34 13.29 5.85
N LEU A 117 2.76 13.52 4.61
CA LEU A 117 1.85 13.70 3.48
C LEU A 117 2.31 12.76 2.39
N GLY A 118 1.63 11.63 2.23
CA GLY A 118 1.99 10.66 1.20
C GLY A 118 1.13 10.92 -0.02
N VAL A 119 1.75 10.90 -1.19
CA VAL A 119 0.99 11.16 -2.41
C VAL A 119 1.23 10.01 -3.36
N THR A 120 0.16 9.34 -3.79
CA THR A 120 0.27 8.23 -4.73
C THR A 120 -0.64 8.45 -5.94
N LEU A 121 -0.06 8.28 -7.14
CA LEU A 121 -0.80 8.41 -8.39
C LEU A 121 -1.40 7.06 -8.78
N HIS A 122 -2.65 7.05 -9.22
CA HIS A 122 -3.29 5.80 -9.62
C HIS A 122 -3.90 5.97 -11.00
N TYR A 123 -3.65 5.01 -11.87
CA TYR A 123 -4.21 5.01 -13.22
C TYR A 123 -4.28 3.57 -13.70
N HIS A 124 -4.66 3.31 -14.94
CA HIS A 124 -4.69 1.92 -15.42
C HIS A 124 -4.04 1.83 -16.79
N GLU A 125 -3.59 0.64 -17.13
CA GLU A 125 -3.01 0.39 -18.44
C GLU A 125 -3.70 -0.92 -18.80
N ASN A 126 -4.67 -0.84 -19.70
CA ASN A 126 -5.47 -1.99 -20.10
C ASN A 126 -6.16 -2.55 -18.84
N ASN A 127 -5.95 -3.83 -18.55
CA ASN A 127 -6.54 -4.50 -17.37
C ASN A 127 -5.79 -4.19 -16.06
N GLU A 128 -4.59 -3.65 -16.19
CA GLU A 128 -3.79 -3.40 -14.99
C GLU A 128 -3.92 -2.04 -14.31
N LEU A 129 -3.95 -2.06 -12.99
CA LEU A 129 -3.99 -0.87 -12.18
C LEU A 129 -2.54 -0.52 -11.87
N ARG A 130 -2.22 0.76 -11.93
CA ARG A 130 -0.88 1.26 -11.64
C ARG A 130 -0.98 2.15 -10.39
N ASP A 131 -0.10 1.94 -9.42
CA ASP A 131 -0.08 2.79 -8.22
C ASP A 131 1.37 3.22 -8.05
N LEU A 132 1.64 4.49 -8.32
CA LEU A 132 3.01 4.99 -8.21
C LEU A 132 3.17 6.00 -7.08
N ILE A 133 4.06 5.72 -6.13
CA ILE A 133 4.27 6.67 -5.05
C ILE A 133 5.08 7.84 -5.57
N LEU A 134 4.54 9.06 -5.42
CA LEU A 134 5.20 10.25 -5.92
C LEU A 134 5.99 10.98 -4.86
N GLY A 135 5.56 10.83 -3.60
CA GLY A 135 6.28 11.49 -2.54
C GLY A 135 5.71 11.20 -1.16
N LEU A 136 6.57 11.34 -0.15
CA LEU A 136 6.17 11.16 1.23
C LEU A 136 6.90 12.28 1.92
N LYS A 137 6.21 13.42 2.02
CA LYS A 137 6.76 14.61 2.60
C LYS A 137 6.58 14.70 4.12
N SER A 138 7.68 14.99 4.80
CA SER A 138 7.72 15.17 6.24
C SER A 138 7.54 16.66 6.46
N LEU A 139 6.41 17.05 7.00
CA LEU A 139 6.09 18.46 7.25
C LEU A 139 6.17 18.94 8.69
N ASP A 140 6.60 20.19 8.83
CA ASP A 140 6.69 20.90 10.11
C ASP A 140 5.26 21.21 10.54
N PHE A 141 4.94 20.96 11.81
CA PHE A 141 3.62 21.24 12.35
C PHE A 141 3.10 22.64 12.05
N GLU A 142 4.01 23.62 11.98
CA GLU A 142 3.59 24.99 11.71
C GLU A 142 3.45 25.35 10.23
N ARG A 143 3.91 24.44 9.37
CA ARG A 143 3.85 24.62 7.93
C ARG A 143 2.82 23.62 7.37
N SER A 144 1.68 23.47 8.05
CA SER A 144 0.65 22.52 7.62
C SER A 144 -0.73 23.12 7.30
N THR A 145 -0.78 24.37 6.86
CA THR A 145 -2.07 25.00 6.52
C THR A 145 -2.57 24.48 5.15
N ALA A 146 -3.78 24.88 4.75
CA ALA A 146 -4.32 24.46 3.47
C ALA A 146 -3.37 24.95 2.36
N GLU A 147 -2.91 26.20 2.49
CA GLU A 147 -1.99 26.79 1.53
C GLU A 147 -0.66 25.98 1.43
N ASN A 148 -0.12 25.60 2.58
CA ASN A 148 1.13 24.84 2.59
C ASN A 148 0.94 23.47 1.94
N ILE A 149 -0.17 22.80 2.27
CA ILE A 149 -0.45 21.48 1.69
C ILE A 149 -0.57 21.62 0.19
N TYR A 150 -1.37 22.58 -0.28
CA TYR A 150 -1.52 22.74 -1.73
C TYR A 150 -0.15 22.98 -2.40
N LYS A 151 0.69 23.80 -1.77
CA LYS A 151 2.01 24.10 -2.34
C LYS A 151 2.86 22.81 -2.42
N LYS A 152 2.82 22.01 -1.35
CA LYS A 152 3.53 20.74 -1.34
C LYS A 152 3.04 19.80 -2.46
N LEU A 153 1.71 19.69 -2.64
CA LEU A 153 1.14 18.86 -3.70
C LEU A 153 1.60 19.32 -5.06
N LYS A 154 1.49 20.62 -5.33
CA LYS A 154 1.95 21.16 -6.61
C LYS A 154 3.42 20.79 -6.84
N ALA A 155 4.24 20.94 -5.80
CA ALA A 155 5.67 20.61 -5.90
C ALA A 155 5.88 19.12 -6.25
N ILE A 156 5.09 18.23 -5.64
CA ILE A 156 5.21 16.78 -5.93
C ILE A 156 4.89 16.47 -7.37
N PHE A 157 3.77 16.98 -7.88
CA PHE A 157 3.40 16.70 -9.26
C PHE A 157 4.37 17.39 -10.24
N SER A 158 4.94 18.54 -9.86
CA SER A 158 5.88 19.23 -10.74
C SER A 158 7.15 18.41 -10.94
N GLN A 159 7.50 17.60 -9.93
CA GLN A 159 8.67 16.73 -10.01
C GLN A 159 8.46 15.66 -11.06
N PHE A 160 7.22 15.45 -11.47
CA PHE A 160 6.95 14.47 -12.51
C PHE A 160 6.46 15.21 -13.75
N ASN A 161 6.70 16.52 -13.76
CA ASN A 161 6.30 17.36 -14.88
C ASN A 161 4.79 17.43 -15.16
N VAL A 162 3.99 17.29 -14.11
CA VAL A 162 2.53 17.42 -14.27
C VAL A 162 2.25 18.76 -13.60
N GLU A 163 1.99 19.79 -14.40
CA GLU A 163 1.72 21.13 -13.90
C GLU A 163 0.23 21.47 -13.78
N ASP A 164 -0.61 20.77 -14.54
CA ASP A 164 -2.06 21.03 -14.50
C ASP A 164 -2.76 19.87 -13.79
N LEU A 165 -3.31 20.16 -12.62
CA LEU A 165 -3.95 19.15 -11.82
C LEU A 165 -5.47 19.10 -11.96
N SER A 166 -6.01 19.88 -12.89
CA SER A 166 -7.45 19.99 -13.09
C SER A 166 -8.21 18.69 -13.14
N SER A 167 -7.69 17.75 -13.91
CA SER A 167 -8.38 16.48 -14.09
C SER A 167 -8.09 15.36 -13.12
N ILE A 168 -7.23 15.58 -12.16
CA ILE A 168 -6.88 14.50 -11.22
C ILE A 168 -7.94 14.36 -10.13
N LYS A 169 -8.45 13.15 -9.91
CA LYS A 169 -9.41 12.93 -8.85
C LYS A 169 -8.62 12.70 -7.57
N PHE A 170 -8.79 13.54 -6.58
CA PHE A 170 -8.08 13.38 -5.31
C PHE A 170 -8.93 12.60 -4.28
N VAL A 171 -8.29 11.71 -3.54
CA VAL A 171 -8.98 10.92 -2.50
C VAL A 171 -8.24 11.26 -1.19
N THR A 172 -8.97 11.93 -0.28
CA THR A 172 -8.42 12.39 0.98
C THR A 172 -9.41 12.17 2.11
N ASP A 173 -8.92 12.26 3.34
CA ASP A 173 -9.80 12.18 4.50
C ASP A 173 -10.45 13.56 4.65
N ARG A 174 -11.31 13.73 5.65
CA ARG A 174 -12.01 14.98 5.83
C ARG A 174 -11.32 16.06 6.69
N GLY A 175 -10.02 15.93 6.91
CA GLY A 175 -9.30 16.95 7.70
C GLY A 175 -9.52 18.33 7.12
N ALA A 176 -9.75 19.32 7.98
CA ALA A 176 -10.03 20.69 7.54
C ALA A 176 -9.08 21.30 6.50
N ASN A 177 -7.78 21.16 6.72
CA ASN A 177 -6.79 21.71 5.80
C ASN A 177 -6.68 20.98 4.47
N VAL A 178 -6.66 19.64 4.48
CA VAL A 178 -6.53 18.96 3.21
C VAL A 178 -7.75 19.24 2.34
N VAL A 179 -8.94 19.32 2.95
CA VAL A 179 -10.16 19.59 2.21
C VAL A 179 -10.11 20.99 1.60
N LYS A 180 -9.70 21.99 2.39
CA LYS A 180 -9.63 23.35 1.86
C LYS A 180 -8.56 23.46 0.78
N SER A 181 -7.46 22.73 0.94
CA SER A 181 -6.36 22.82 -0.02
C SER A 181 -6.77 22.38 -1.42
N LEU A 182 -7.79 21.53 -1.50
CA LEU A 182 -8.24 20.99 -2.79
C LEU A 182 -9.65 21.45 -3.20
N ALA A 183 -10.09 22.57 -2.64
CA ALA A 183 -11.44 23.07 -2.92
C ALA A 183 -11.72 23.36 -4.39
N ASN A 184 -10.68 23.58 -5.20
CA ASN A 184 -10.91 23.84 -6.62
C ASN A 184 -10.66 22.63 -7.48
N ASN A 185 -10.45 21.48 -6.83
CA ASN A 185 -10.17 20.23 -7.55
C ASN A 185 -11.23 19.17 -7.27
N ILE A 186 -11.22 18.10 -8.07
CA ILE A 186 -12.16 17.00 -7.83
C ILE A 186 -11.66 16.33 -6.57
N ARG A 187 -12.51 16.15 -5.57
CA ARG A 187 -12.04 15.51 -4.34
C ARG A 187 -13.13 14.59 -3.75
N ILE A 188 -12.75 13.34 -3.49
CA ILE A 188 -13.63 12.27 -2.99
C ILE A 188 -13.17 11.95 -1.56
N ASN A 189 -14.12 11.64 -0.68
CA ASN A 189 -13.79 11.32 0.72
C ASN A 189 -13.33 9.86 0.91
N CYS A 190 -12.32 9.70 1.74
CA CYS A 190 -11.74 8.39 2.07
C CYS A 190 -12.75 7.53 2.83
N SER A 191 -13.03 6.32 2.35
CA SER A 191 -13.97 5.46 3.06
C SER A 191 -13.36 4.82 4.31
N SER A 192 -12.03 4.70 4.37
CA SER A 192 -11.42 4.13 5.58
C SER A 192 -11.76 5.11 6.72
N HIS A 193 -11.52 6.41 6.49
CA HIS A 193 -11.80 7.42 7.49
C HIS A 193 -13.31 7.46 7.82
N LEU A 194 -14.18 7.44 6.81
CA LEU A 194 -15.61 7.46 7.07
C LEU A 194 -16.08 6.28 7.92
N LEU A 195 -15.69 5.06 7.56
CA LEU A 195 -16.09 3.90 8.34
C LEU A 195 -15.56 4.01 9.78
N SER A 196 -14.31 4.46 9.93
CA SER A 196 -13.73 4.62 11.25
C SER A 196 -14.59 5.62 12.06
N ASN A 197 -15.01 6.72 11.42
CA ASN A 197 -15.83 7.74 12.07
C ASN A 197 -17.19 7.15 12.47
N VAL A 198 -17.76 6.31 11.62
CA VAL A 198 -19.05 5.65 11.91
C VAL A 198 -18.89 4.86 13.21
N LEU A 199 -17.83 4.08 13.29
CA LEU A 199 -17.59 3.24 14.47
C LEU A 199 -17.34 4.02 15.75
N GLU A 200 -16.41 4.96 15.70
CA GLU A 200 -16.08 5.80 16.84
C GLU A 200 -17.29 6.58 17.37
N ASN A 201 -18.05 7.23 16.49
CA ASN A 201 -19.24 7.98 16.90
C ASN A 201 -20.31 7.05 17.53
N SER A 202 -20.48 5.86 16.97
CA SER A 202 -21.48 4.92 17.46
C SER A 202 -21.18 4.43 18.89
N PHE A 203 -19.92 4.12 19.16
CA PHE A 203 -19.58 3.69 20.51
C PHE A 203 -19.78 4.86 21.50
N GLU A 204 -19.30 6.05 21.14
CA GLU A 204 -19.45 7.22 21.97
C GLU A 204 -20.93 7.58 22.23
N GLU A 205 -21.80 7.31 21.26
CA GLU A 205 -23.22 7.65 21.37
C GLU A 205 -24.10 6.61 22.05
N THR A 206 -23.52 5.48 22.39
CA THR A 206 -24.24 4.41 23.09
C THR A 206 -23.69 4.53 24.55
N PRO A 207 -24.43 5.22 25.43
CA PRO A 207 -23.98 5.41 26.81
C PRO A 207 -23.65 4.17 27.62
N GLU A 208 -24.37 3.08 27.33
CA GLU A 208 -24.17 1.82 28.02
C GLU A 208 -22.82 1.18 27.66
N LEU A 209 -22.27 1.53 26.49
CA LEU A 209 -20.97 1.00 26.02
C LEU A 209 -19.86 2.05 26.18
N ASN A 210 -20.23 3.32 26.12
CA ASN A 210 -19.26 4.39 26.34
C ASN A 210 -18.77 4.24 27.82
N MSE A 211 -19.66 3.79 28.69
CA MSE A 211 -19.34 3.59 30.12
C MSE A 211 -18.14 2.62 30.30
O MSE A 211 -17.13 3.00 30.91
CB MSE A 211 -20.58 3.10 30.89
CG MSE A 211 -20.29 2.48 32.25
SE MSE A 211 -21.96 1.97 33.16
CE MSE A 211 -22.58 0.58 32.03
N PRO A 212 -18.24 1.37 29.81
CA PRO A 212 -17.10 0.45 29.99
C PRO A 212 -15.89 0.88 29.14
N ILE A 213 -16.14 1.61 28.05
CA ILE A 213 -15.03 2.10 27.22
C ILE A 213 -14.24 3.11 28.07
N LEU A 214 -14.93 4.03 28.74
CA LEU A 214 -14.27 5.00 29.62
C LEU A 214 -13.53 4.28 30.75
N ALA A 215 -14.15 3.25 31.31
CA ALA A 215 -13.49 2.50 32.37
C ALA A 215 -12.20 1.88 31.79
N CYS A 216 -12.28 1.31 30.58
CA CYS A 216 -11.09 0.72 29.96
C CYS A 216 -9.98 1.74 29.78
N LYS A 217 -10.34 2.97 29.39
CA LYS A 217 -9.34 4.03 29.21
C LYS A 217 -8.66 4.38 30.54
N ASN A 218 -9.43 4.33 31.62
CA ASN A 218 -8.94 4.63 32.96
C ASN A 218 -7.86 3.58 33.34
N ILE A 219 -8.08 2.34 32.92
CA ILE A 219 -7.16 1.25 33.17
C ILE A 219 -5.85 1.44 32.38
N VAL A 220 -5.98 1.80 31.10
CA VAL A 220 -4.83 2.04 30.23
C VAL A 220 -4.01 3.19 30.84
N LYS A 221 -4.73 4.22 31.28
CA LYS A 221 -4.15 5.40 31.91
C LYS A 221 -3.32 4.98 33.12
N TYR A 222 -3.84 4.00 33.87
CA TYR A 222 -3.12 3.51 35.03
C TYR A 222 -1.91 2.67 34.64
N PHE A 223 -2.08 1.78 33.67
CA PHE A 223 -0.98 0.93 33.23
C PHE A 223 0.14 1.76 32.63
N LYS A 224 -0.22 2.93 32.10
CA LYS A 224 0.74 3.85 31.54
C LYS A 224 1.53 4.52 32.66
N LYS A 225 0.81 5.01 33.67
CA LYS A 225 1.43 5.68 34.82
C LYS A 225 2.33 4.72 35.59
N ALA A 226 1.96 3.45 35.61
CA ALA A 226 2.72 2.43 36.32
C ALA A 226 3.77 1.74 35.45
N ASN A 227 4.00 2.27 34.25
CA ASN A 227 4.98 1.72 33.32
C ASN A 227 4.78 0.25 32.97
N LEU A 228 3.50 -0.16 32.92
CA LEU A 228 3.15 -1.54 32.59
C LEU A 228 2.48 -1.63 31.22
N GLN A 229 2.65 -0.61 30.39
CA GLN A 229 2.06 -0.58 29.04
C GLN A 229 2.34 -1.88 28.28
N HIS A 230 3.52 -2.45 28.50
CA HIS A 230 3.92 -3.69 27.83
C HIS A 230 3.08 -4.89 28.27
N ARG A 231 2.45 -4.78 29.44
CA ARG A 231 1.60 -5.84 29.94
C ARG A 231 0.25 -5.88 29.20
N LEU A 232 -0.09 -4.77 28.53
CA LEU A 232 -1.33 -4.67 27.77
C LEU A 232 -1.12 -4.93 26.28
N ARG A 233 -0.02 -5.63 25.94
CA ARG A 233 0.32 -5.93 24.56
C ARG A 233 -0.66 -6.90 23.91
N SER A 234 -1.18 -6.54 22.74
CA SER A 234 -2.11 -7.38 22.02
C SER A 234 -1.47 -7.84 20.72
N SER A 235 -1.91 -8.99 20.23
CA SER A 235 -1.39 -9.55 18.98
C SER A 235 -2.17 -9.03 17.77
N LEU A 236 -3.26 -8.33 18.05
CA LEU A 236 -4.15 -7.78 17.04
C LEU A 236 -3.64 -6.56 16.28
N LYS A 237 -3.32 -6.74 14.99
CA LYS A 237 -2.92 -5.62 14.16
C LYS A 237 -4.11 -5.43 13.21
N SER A 238 -4.82 -4.33 13.42
CA SER A 238 -6.00 -4.00 12.63
C SER A 238 -5.68 -3.58 11.19
N GLU A 239 -6.62 -3.84 10.29
CA GLU A 239 -6.47 -3.45 8.89
C GLU A 239 -6.64 -1.95 8.85
N CYS A 240 -7.45 -1.44 9.76
CA CYS A 240 -7.72 0.00 9.82
C CYS A 240 -6.52 0.74 10.33
N PRO A 241 -6.19 1.90 9.70
CA PRO A 241 -5.04 2.72 10.10
C PRO A 241 -5.10 2.98 11.63
N THR A 242 -3.93 2.85 12.25
CA THR A 242 -3.78 3.03 13.70
C THR A 242 -4.48 4.27 14.24
N ARG A 243 -4.27 5.41 13.57
CA ARG A 243 -4.87 6.69 13.96
C ARG A 243 -6.41 6.68 13.99
N TRP A 244 -6.99 5.67 13.38
CA TRP A 244 -8.44 5.56 13.28
C TRP A 244 -9.13 4.40 14.06
N ASN A 245 -8.38 3.56 14.76
CA ASN A 245 -9.05 2.47 15.47
C ASN A 245 -8.67 2.35 16.93
N SER A 246 -8.58 3.50 17.59
CA SER A 246 -8.22 3.59 19.00
C SER A 246 -9.08 2.69 19.90
N THR A 247 -10.39 2.65 19.63
CA THR A 247 -11.31 1.83 20.43
C THR A 247 -11.01 0.33 20.31
N TYR A 248 -11.00 -0.19 19.08
CA TYR A 248 -10.74 -1.62 18.83
C TYR A 248 -9.43 -2.12 19.41
N THR A 249 -8.36 -1.37 19.19
CA THR A 249 -7.07 -1.80 19.70
C THR A 249 -7.09 -1.85 21.23
N MSE A 250 -7.66 -0.84 21.87
CA MSE A 250 -7.71 -0.84 23.33
C MSE A 250 -8.49 -2.02 23.92
O MSE A 250 -8.02 -2.66 24.86
CB MSE A 250 -8.32 0.44 23.85
CG MSE A 250 -8.71 0.33 25.30
SE MSE A 250 -9.55 1.91 25.81
CE MSE A 250 -11.34 1.48 25.20
N LEU A 251 -9.68 -2.26 23.39
CA LEU A 251 -10.54 -3.34 23.86
C LEU A 251 -9.85 -4.68 23.79
N ARG A 252 -9.14 -4.93 22.70
CA ARG A 252 -8.39 -6.17 22.57
C ARG A 252 -7.21 -6.17 23.55
N SER A 253 -6.63 -5.01 23.83
CA SER A 253 -5.52 -4.91 24.78
C SER A 253 -5.97 -5.49 26.14
N ILE A 254 -7.10 -4.99 26.63
CA ILE A 254 -7.67 -5.42 27.91
C ILE A 254 -8.15 -6.87 27.88
N LEU A 255 -8.95 -7.22 26.88
CA LEU A 255 -9.49 -8.57 26.76
C LEU A 255 -8.44 -9.69 26.61
N ASP A 256 -7.41 -9.48 25.80
CA ASP A 256 -6.37 -10.50 25.61
C ASP A 256 -5.55 -10.69 26.87
N ASN A 257 -5.46 -9.63 27.67
CA ASN A 257 -4.69 -9.64 28.91
C ASN A 257 -5.60 -9.54 30.15
N TRP A 258 -6.83 -10.03 30.04
CA TRP A 258 -7.79 -9.93 31.13
C TRP A 258 -7.30 -10.38 32.51
N GLU A 259 -7.04 -11.68 32.63
CA GLU A 259 -6.59 -12.25 33.88
C GLU A 259 -5.40 -11.49 34.46
N SER A 260 -4.47 -11.07 33.59
CA SER A 260 -3.31 -10.29 34.02
C SER A 260 -3.78 -8.93 34.55
N VAL A 261 -4.71 -8.31 33.83
CA VAL A 261 -5.22 -6.99 34.23
C VAL A 261 -5.87 -7.00 35.62
N ILE A 262 -6.78 -7.93 35.88
CA ILE A 262 -7.45 -7.96 37.18
C ILE A 262 -6.46 -8.17 38.31
N GLN A 263 -5.44 -8.98 38.07
CA GLN A 263 -4.43 -9.25 39.08
C GLN A 263 -3.64 -7.97 39.39
N ILE A 264 -3.20 -7.27 38.35
CA ILE A 264 -2.43 -6.03 38.50
C ILE A 264 -3.21 -4.99 39.31
N LEU A 265 -4.48 -4.78 38.93
CA LEU A 265 -5.33 -3.80 39.62
C LEU A 265 -5.56 -4.16 41.08
N SER A 266 -5.72 -5.45 41.38
CA SER A 266 -5.93 -5.90 42.75
C SER A 266 -4.70 -5.64 43.64
N GLU A 267 -3.54 -6.12 43.22
CA GLU A 267 -2.32 -5.91 43.99
C GLU A 267 -1.88 -4.45 44.09
N ALA A 268 -2.52 -3.57 43.30
CA ALA A 268 -2.20 -2.15 43.33
C ALA A 268 -3.32 -1.37 44.02
N GLY A 269 -4.35 -2.09 44.47
CA GLY A 269 -5.48 -1.46 45.14
C GLY A 269 -6.20 -0.46 44.25
N GLU A 270 -6.31 -0.77 42.96
CA GLU A 270 -6.97 0.10 42.00
C GLU A 270 -8.19 -0.56 41.38
N THR A 271 -8.95 -1.27 42.21
CA THR A 271 -10.14 -2.00 41.77
C THR A 271 -11.32 -1.13 41.29
N GLN A 272 -11.37 0.12 41.72
CA GLN A 272 -12.49 0.97 41.29
C GLN A 272 -12.42 1.23 39.77
N ARG A 273 -11.28 0.88 39.15
CA ARG A 273 -11.10 1.09 37.73
C ARG A 273 -11.77 0.05 36.85
N ILE A 274 -12.11 -1.11 37.41
CA ILE A 274 -12.76 -2.15 36.63
C ILE A 274 -14.29 -2.11 36.75
N VAL A 275 -14.79 -1.38 37.74
CA VAL A 275 -16.26 -1.26 37.92
C VAL A 275 -16.97 -0.85 36.59
N HIS A 276 -18.04 -1.56 36.26
CA HIS A 276 -18.88 -1.33 35.06
C HIS A 276 -18.47 -2.20 33.88
N ILE A 277 -17.25 -2.72 33.88
CA ILE A 277 -16.76 -3.55 32.79
C ILE A 277 -17.34 -4.95 32.89
N ASN A 278 -17.98 -5.37 31.81
CA ASN A 278 -18.56 -6.68 31.70
C ASN A 278 -17.76 -7.39 30.59
N LYS A 279 -16.93 -8.36 30.98
CA LYS A 279 -16.08 -9.07 30.03
C LYS A 279 -16.81 -9.60 28.80
N SER A 280 -17.97 -10.23 28.98
CA SER A 280 -18.72 -10.79 27.86
C SER A 280 -19.17 -9.70 26.87
N ILE A 281 -19.47 -8.51 27.40
CA ILE A 281 -19.90 -7.37 26.57
C ILE A 281 -18.71 -6.91 25.72
N ILE A 282 -17.55 -6.84 26.35
CA ILE A 282 -16.30 -6.46 25.71
C ILE A 282 -16.01 -7.49 24.59
N GLN A 283 -16.16 -8.78 24.91
CA GLN A 283 -15.93 -9.84 23.93
C GLN A 283 -16.87 -9.70 22.74
N THR A 284 -18.13 -9.38 23.00
CA THR A 284 -19.08 -9.20 21.90
C THR A 284 -18.67 -8.00 21.03
N MSE A 285 -18.23 -6.93 21.67
CA MSE A 285 -17.79 -5.74 20.94
C MSE A 285 -16.62 -6.10 20.03
O MSE A 285 -16.60 -5.72 18.84
CB MSE A 285 -17.41 -4.61 21.89
CG MSE A 285 -18.59 -4.03 22.65
SE MSE A 285 -18.13 -2.41 23.62
CE MSE A 285 -17.51 -3.15 25.25
N VAL A 286 -15.65 -6.86 20.54
CA VAL A 286 -14.52 -7.22 19.70
C VAL A 286 -14.92 -8.17 18.57
N ASN A 287 -15.90 -9.03 18.82
CA ASN A 287 -16.37 -9.96 17.80
C ASN A 287 -16.97 -9.12 16.67
N ILE A 288 -17.85 -8.17 17.03
CA ILE A 288 -18.47 -7.30 16.03
C ILE A 288 -17.43 -6.47 15.24
N LEU A 289 -16.50 -5.85 15.96
CA LEU A 289 -15.47 -5.05 15.31
C LEU A 289 -14.62 -5.88 14.37
N ASP A 290 -14.36 -7.14 14.76
CA ASP A 290 -13.57 -8.03 13.91
C ASP A 290 -14.29 -8.26 12.57
N GLY A 291 -15.62 -8.20 12.57
CA GLY A 291 -16.36 -8.39 11.34
C GLY A 291 -16.13 -7.25 10.34
N PHE A 292 -15.61 -6.12 10.80
CA PHE A 292 -15.37 -4.99 9.89
C PHE A 292 -13.93 -4.99 9.34
N GLU A 293 -13.06 -5.82 9.90
CA GLU A 293 -11.67 -5.85 9.45
C GLU A 293 -11.55 -6.12 7.96
N ARG A 294 -12.40 -7.02 7.47
CA ARG A 294 -12.37 -7.41 6.07
C ARG A 294 -12.80 -6.23 5.21
N ILE A 295 -13.73 -5.42 5.71
CA ILE A 295 -14.17 -4.26 4.93
C ILE A 295 -12.99 -3.29 4.80
N PHE A 296 -12.33 -2.99 5.91
CA PHE A 296 -11.19 -2.06 5.84
C PHE A 296 -10.15 -2.60 4.85
N LYS A 297 -9.85 -3.89 4.96
CA LYS A 297 -8.88 -4.49 4.05
C LYS A 297 -9.29 -4.37 2.57
N GLU A 298 -10.53 -4.69 2.26
CA GLU A 298 -11.03 -4.64 0.88
C GLU A 298 -11.07 -3.22 0.32
N LEU A 299 -11.36 -2.25 1.16
CA LEU A 299 -11.39 -0.88 0.69
C LEU A 299 -10.00 -0.22 0.54
N GLN A 300 -8.95 -0.81 1.13
CA GLN A 300 -7.60 -0.23 1.06
C GLN A 300 -6.64 -0.82 0.04
N THR A 301 -7.12 -1.75 -0.77
CA THR A 301 -6.28 -2.35 -1.77
C THR A 301 -6.01 -1.35 -2.90
N CYS A 302 -4.90 -1.51 -3.60
CA CYS A 302 -4.67 -0.67 -4.77
C CYS A 302 -4.08 -1.48 -5.90
N SER A 303 -4.24 -2.80 -5.77
CA SER A 303 -3.79 -3.73 -6.80
C SER A 303 -5.03 -4.23 -7.53
N SER A 304 -6.21 -3.91 -7.00
CA SER A 304 -7.46 -4.32 -7.61
C SER A 304 -8.47 -3.21 -7.29
N PRO A 305 -9.53 -3.04 -8.11
CA PRO A 305 -10.52 -1.99 -7.88
C PRO A 305 -11.18 -2.12 -6.52
N SER A 306 -11.36 -0.98 -5.87
CA SER A 306 -11.99 -0.95 -4.55
C SER A 306 -13.21 -0.02 -4.53
N LEU A 307 -13.23 0.96 -5.43
CA LEU A 307 -14.32 1.94 -5.40
C LEU A 307 -15.70 1.35 -5.60
N CYS A 308 -15.75 0.30 -6.41
CA CYS A 308 -16.99 -0.37 -6.69
C CYS A 308 -17.51 -1.16 -5.49
N PHE A 309 -16.70 -1.33 -4.46
CA PHE A 309 -17.14 -2.10 -3.31
C PHE A 309 -17.55 -1.23 -2.13
N VAL A 310 -17.58 0.09 -2.32
CA VAL A 310 -17.97 0.99 -1.23
C VAL A 310 -19.43 0.79 -0.91
N VAL A 311 -20.27 0.81 -1.95
CA VAL A 311 -21.70 0.61 -1.73
C VAL A 311 -21.95 -0.78 -1.07
N PRO A 312 -21.36 -1.87 -1.61
CA PRO A 312 -21.55 -3.21 -1.02
C PRO A 312 -21.02 -3.23 0.44
N SER A 313 -20.02 -2.39 0.75
CA SER A 313 -19.48 -2.33 2.11
C SER A 313 -20.51 -1.74 3.07
N ILE A 314 -21.24 -0.73 2.59
CA ILE A 314 -22.29 -0.12 3.36
C ILE A 314 -23.40 -1.16 3.61
N LEU A 315 -23.71 -1.94 2.58
CA LEU A 315 -24.72 -2.96 2.74
C LEU A 315 -24.25 -4.00 3.74
N LYS A 316 -22.96 -4.33 3.68
CA LYS A 316 -22.39 -5.32 4.58
C LYS A 316 -22.48 -4.86 6.03
N VAL A 317 -22.20 -3.59 6.28
CA VAL A 317 -22.28 -3.08 7.66
C VAL A 317 -23.69 -3.24 8.17
N LYS A 318 -24.68 -2.90 7.34
CA LYS A 318 -26.07 -3.05 7.76
C LYS A 318 -26.45 -4.53 8.00
N GLU A 319 -25.91 -5.45 7.21
CA GLU A 319 -26.20 -6.88 7.38
C GLU A 319 -25.58 -7.39 8.71
N ILE A 320 -24.33 -7.01 8.99
CA ILE A 320 -23.63 -7.40 10.20
C ILE A 320 -24.39 -6.87 11.42
N CYS A 321 -24.95 -5.67 11.28
CA CYS A 321 -25.67 -5.05 12.38
C CYS A 321 -27.16 -5.30 12.34
N SER A 322 -27.64 -6.29 11.59
CA SER A 322 -29.07 -6.51 11.54
C SER A 322 -29.63 -6.96 12.90
N PRO A 323 -30.84 -6.51 13.24
CA PRO A 323 -31.46 -6.89 14.51
C PRO A 323 -31.40 -8.39 14.78
N ASP A 324 -31.10 -8.76 16.00
CA ASP A 324 -31.00 -10.16 16.37
C ASP A 324 -31.59 -10.28 17.79
N VAL A 325 -32.65 -11.07 17.94
CA VAL A 325 -33.29 -11.22 19.24
C VAL A 325 -32.37 -11.80 20.32
N GLY A 326 -31.30 -12.48 19.90
CA GLY A 326 -30.35 -13.03 20.84
C GLY A 326 -29.36 -12.01 21.41
N ASP A 327 -29.44 -10.76 20.96
CA ASP A 327 -28.52 -9.74 21.45
C ASP A 327 -28.94 -9.17 22.80
N VAL A 328 -27.96 -8.90 23.67
CA VAL A 328 -28.29 -8.25 24.93
C VAL A 328 -28.60 -6.82 24.49
N ALA A 329 -29.41 -6.10 25.24
CA ALA A 329 -29.79 -4.75 24.87
C ALA A 329 -28.69 -3.74 24.57
N ASP A 330 -27.57 -3.75 25.29
CA ASP A 330 -26.48 -2.79 25.03
C ASP A 330 -25.95 -2.97 23.59
N ILE A 331 -25.94 -4.23 23.15
CA ILE A 331 -25.45 -4.58 21.83
C ILE A 331 -26.48 -4.22 20.77
N ALA A 332 -27.75 -4.45 21.07
CA ALA A 332 -28.80 -4.12 20.13
C ALA A 332 -28.80 -2.61 19.84
N LYS A 333 -28.58 -1.82 20.89
CA LYS A 333 -28.55 -0.35 20.76
C LYS A 333 -27.33 0.10 19.91
N LEU A 334 -26.19 -0.51 20.19
CA LEU A 334 -24.97 -0.21 19.44
C LEU A 334 -25.24 -0.45 17.94
N LYS A 335 -25.81 -1.62 17.62
CA LYS A 335 -26.11 -1.95 16.24
C LYS A 335 -27.02 -0.94 15.56
N VAL A 336 -28.04 -0.46 16.28
CA VAL A 336 -28.96 0.54 15.73
C VAL A 336 -28.20 1.86 15.52
N ASN A 337 -27.26 2.16 16.42
CA ASN A 337 -26.49 3.38 16.30
C ASN A 337 -25.54 3.30 15.11
N ILE A 338 -24.91 2.15 14.91
CA ILE A 338 -24.00 1.99 13.77
C ILE A 338 -24.77 2.19 12.47
N ILE A 339 -25.94 1.58 12.37
CA ILE A 339 -26.76 1.70 11.17
C ILE A 339 -27.16 3.15 10.93
N LYS A 340 -27.52 3.85 12.00
CA LYS A 340 -27.90 5.26 11.87
C LYS A 340 -26.70 6.06 11.36
N ASN A 341 -25.51 5.78 11.91
CA ASN A 341 -24.31 6.49 11.50
C ASN A 341 -23.80 6.13 10.09
N VAL A 342 -24.10 4.92 9.63
CA VAL A 342 -23.70 4.54 8.28
C VAL A 342 -24.38 5.51 7.30
N ARG A 343 -25.63 5.85 7.59
CA ARG A 343 -26.35 6.78 6.74
C ARG A 343 -25.88 8.23 6.92
N ILE A 344 -25.85 8.71 8.16
CA ILE A 344 -25.46 10.12 8.37
C ILE A 344 -24.00 10.50 8.21
N ILE A 345 -23.10 9.54 8.40
CA ILE A 345 -21.68 9.83 8.26
C ILE A 345 -21.10 9.28 6.95
N TRP A 346 -21.27 7.99 6.69
CA TRP A 346 -20.67 7.42 5.49
C TRP A 346 -21.44 7.78 4.21
N GLU A 347 -22.70 7.35 4.11
CA GLU A 347 -23.49 7.63 2.93
C GLU A 347 -23.61 9.11 2.63
N GLU A 348 -23.84 9.94 3.65
CA GLU A 348 -23.95 11.39 3.45
C GLU A 348 -22.69 11.98 2.83
N ASN A 349 -21.58 11.32 3.06
CA ASN A 349 -20.31 11.80 2.53
C ASN A 349 -19.75 11.11 1.29
N LEU A 350 -20.58 10.28 0.65
CA LEU A 350 -20.18 9.61 -0.60
C LEU A 350 -20.49 10.60 -1.72
N SER A 351 -20.09 10.29 -2.95
CA SER A 351 -20.35 11.13 -4.11
C SER A 351 -20.88 10.29 -5.29
N ILE A 352 -21.23 10.96 -6.38
CA ILE A 352 -21.68 10.27 -7.57
C ILE A 352 -20.62 9.28 -8.07
N TRP A 353 -19.35 9.57 -7.78
CA TRP A 353 -18.26 8.65 -8.15
C TRP A 353 -18.48 7.26 -7.53
N HIS A 354 -18.88 7.19 -6.27
CA HIS A 354 -19.08 5.90 -5.60
C HIS A 354 -20.26 5.08 -6.16
N TYR A 355 -21.37 5.76 -6.41
CA TYR A 355 -22.53 5.03 -6.93
C TYR A 355 -22.30 4.60 -8.35
N THR A 356 -21.56 5.40 -9.11
CA THR A 356 -21.25 5.01 -10.48
C THR A 356 -20.28 3.82 -10.50
N ALA A 357 -19.31 3.78 -9.58
CA ALA A 357 -18.36 2.66 -9.55
C ALA A 357 -19.14 1.36 -9.33
N PHE A 358 -20.07 1.38 -8.38
CA PHE A 358 -20.87 0.20 -8.09
C PHE A 358 -21.72 -0.19 -9.32
N PHE A 359 -22.22 0.82 -10.03
CA PHE A 359 -23.02 0.62 -11.24
C PHE A 359 -22.13 -0.06 -12.29
N PHE A 360 -20.84 0.30 -12.30
CA PHE A 360 -19.89 -0.26 -13.24
C PHE A 360 -19.40 -1.69 -12.93
N TYR A 361 -19.97 -2.34 -11.92
CA TYR A 361 -19.62 -3.70 -11.57
C TYR A 361 -20.84 -4.41 -12.19
N PRO A 362 -20.70 -4.93 -13.43
CA PRO A 362 -21.79 -5.59 -14.16
C PRO A 362 -22.66 -6.64 -13.46
N PRO A 363 -22.07 -7.56 -12.68
CA PRO A 363 -22.94 -8.55 -12.03
C PRO A 363 -23.94 -7.95 -11.06
N ALA A 364 -23.75 -6.69 -10.68
CA ALA A 364 -24.64 -6.01 -9.74
C ALA A 364 -25.73 -5.16 -10.40
N LEU A 365 -25.73 -5.14 -11.74
CA LEU A 365 -26.71 -4.31 -12.47
C LEU A 365 -28.16 -4.48 -12.08
N HIS A 366 -28.54 -5.73 -11.78
CA HIS A 366 -29.90 -6.08 -11.43
C HIS A 366 -30.28 -5.72 -9.99
N MSE A 367 -29.29 -5.39 -9.17
CA MSE A 367 -29.57 -5.04 -7.78
C MSE A 367 -30.18 -3.65 -7.65
O MSE A 367 -29.93 -2.78 -8.48
CB MSE A 367 -28.31 -5.12 -6.93
CG MSE A 367 -27.83 -6.53 -6.73
SE MSE A 367 -26.19 -6.54 -5.76
CE MSE A 367 -26.87 -5.84 -4.09
N GLN A 368 -30.93 -3.48 -6.57
CA GLN A 368 -31.60 -2.23 -6.23
C GLN A 368 -30.62 -1.06 -6.21
N GLN A 369 -30.74 -0.19 -7.21
CA GLN A 369 -29.90 0.99 -7.30
C GLN A 369 -30.87 2.17 -7.42
N GLU A 370 -30.77 3.12 -6.49
CA GLU A 370 -31.65 4.29 -6.43
C GLU A 370 -31.22 5.56 -7.18
N LYS A 371 -30.02 5.55 -7.74
CA LYS A 371 -29.51 6.75 -8.40
C LYS A 371 -29.22 6.60 -9.88
N VAL A 372 -29.88 5.65 -10.53
CA VAL A 372 -29.59 5.44 -11.93
C VAL A 372 -29.70 6.68 -12.80
N ALA A 373 -30.67 7.53 -12.53
CA ALA A 373 -30.85 8.72 -13.35
C ALA A 373 -29.67 9.68 -13.21
N GLN A 374 -29.19 9.85 -11.98
CA GLN A 374 -28.04 10.70 -11.67
C GLN A 374 -26.78 10.06 -12.25
N ILE A 375 -26.73 8.72 -12.20
CA ILE A 375 -25.57 8.01 -12.72
C ILE A 375 -25.46 8.19 -14.23
N LYS A 376 -26.59 8.06 -14.94
CA LYS A 376 -26.57 8.25 -16.38
C LYS A 376 -26.13 9.70 -16.71
N GLU A 377 -26.72 10.68 -16.05
CA GLU A 377 -26.36 12.09 -16.30
C GLU A 377 -24.83 12.28 -16.11
N PHE A 378 -24.32 11.74 -15.01
CA PHE A 378 -22.90 11.82 -14.75
C PHE A 378 -22.09 11.11 -15.85
N CYS A 379 -22.50 9.91 -16.28
CA CYS A 379 -21.78 9.20 -17.30
C CYS A 379 -21.74 9.93 -18.65
N LEU A 380 -22.87 10.46 -19.08
CA LEU A 380 -22.96 11.23 -20.32
C LEU A 380 -22.00 12.42 -20.21
N SER A 381 -22.05 13.10 -19.08
CA SER A 381 -21.18 14.26 -18.85
C SER A 381 -19.69 13.88 -18.92
N LYS A 382 -19.30 12.79 -18.23
CA LYS A 382 -17.89 12.38 -18.27
C LYS A 382 -17.44 11.89 -19.64
N MSE A 383 -18.28 11.16 -20.37
CA MSE A 383 -17.87 10.72 -21.71
C MSE A 383 -17.64 11.94 -22.63
O MSE A 383 -16.61 12.03 -23.36
CB MSE A 383 -18.89 9.74 -22.31
CG MSE A 383 -18.77 8.36 -21.72
SE MSE A 383 -20.04 7.09 -22.51
CE MSE A 383 -19.90 7.57 -24.35
N GLU A 384 -18.58 12.89 -22.55
CA GLU A 384 -18.48 14.15 -23.28
C GLU A 384 -17.25 14.97 -22.83
N ASP A 385 -16.92 14.94 -21.54
CA ASP A 385 -15.73 15.65 -21.05
C ASP A 385 -14.47 15.10 -21.77
N LEU A 386 -14.33 13.78 -21.86
CA LEU A 386 -13.16 13.23 -22.57
C LEU A 386 -13.17 13.61 -24.05
N GLU A 387 -14.35 13.58 -24.67
CA GLU A 387 -14.39 14.00 -26.07
C GLU A 387 -13.92 15.46 -26.17
N LEU A 388 -14.30 16.32 -25.22
CA LEU A 388 -13.89 17.74 -25.26
C LEU A 388 -12.38 17.85 -25.08
N ILE A 389 -11.86 17.12 -24.09
CA ILE A 389 -10.42 17.07 -23.83
C ILE A 389 -9.69 16.70 -25.14
N ASN A 390 -10.15 15.66 -25.83
CA ASN A 390 -9.48 15.27 -27.07
C ASN A 390 -9.58 16.34 -28.17
N ARG A 391 -10.72 17.03 -28.30
CA ARG A 391 -10.80 18.10 -29.30
C ARG A 391 -9.80 19.24 -28.95
N MSE A 392 -9.84 19.72 -27.73
CA MSE A 392 -8.96 20.82 -27.33
C MSE A 392 -7.49 20.44 -27.46
O MSE A 392 -6.68 21.25 -27.93
CB MSE A 392 -9.27 21.29 -25.91
CG MSE A 392 -10.71 21.79 -25.71
SE MSE A 392 -11.00 22.61 -23.93
CE MSE A 392 -10.93 21.00 -22.80
N SER A 393 -7.19 19.19 -27.10
CA SER A 393 -5.81 18.68 -27.17
C SER A 393 -5.34 18.74 -28.62
N SER A 394 -6.22 18.35 -29.55
CA SER A 394 -5.94 18.37 -30.98
C SER A 394 -5.49 19.73 -31.44
N PHE A 395 -6.00 20.79 -30.80
CA PHE A 395 -5.66 22.18 -31.16
C PHE A 395 -4.68 22.79 -30.18
N ASN A 396 -4.09 21.97 -29.32
CA ASN A 396 -3.13 22.44 -28.31
C ASN A 396 -3.74 23.58 -27.45
N GLU A 397 -5.03 23.44 -27.15
CA GLU A 397 -5.72 24.44 -26.37
C GLU A 397 -6.22 23.86 -25.03
N LEU A 398 -5.84 22.63 -24.70
CA LEU A 398 -6.28 22.00 -23.45
C LEU A 398 -5.78 22.72 -22.21
N SER A 399 -4.52 23.12 -22.23
CA SER A 399 -3.97 23.76 -21.05
C SER A 399 -2.97 24.87 -21.36
N ALA A 400 -3.00 25.90 -20.51
CA ALA A 400 -2.08 27.03 -20.62
C ALA A 400 -0.82 26.75 -19.81
N THR A 401 -0.84 25.67 -19.01
CA THR A 401 0.33 25.34 -18.19
C THR A 401 0.97 23.99 -18.52
N GLN A 402 0.24 23.12 -19.22
CA GLN A 402 0.71 21.76 -19.59
C GLN A 402 0.76 21.51 -21.11
N LEU A 403 1.93 21.14 -21.64
CA LEU A 403 2.07 20.83 -23.06
C LEU A 403 1.28 19.56 -23.34
N ASN A 404 0.34 19.61 -24.29
CA ASN A 404 -0.51 18.46 -24.61
C ASN A 404 0.21 17.26 -25.26
N GLN A 405 -0.40 16.09 -25.09
CA GLN A 405 0.13 14.80 -25.58
C GLN A 405 1.27 14.32 -24.66
N ASP A 422 -0.38 -4.39 -45.96
CA ASP A 422 -1.15 -5.62 -46.19
C ASP A 422 -2.43 -5.55 -45.35
N ILE A 423 -3.58 -5.81 -45.96
CA ILE A 423 -4.82 -5.71 -45.23
C ILE A 423 -4.93 -6.75 -44.11
N SER A 424 -5.66 -6.38 -43.06
CA SER A 424 -5.84 -7.27 -41.91
C SER A 424 -6.59 -8.52 -42.35
N THR A 425 -6.54 -9.54 -41.51
CA THR A 425 -7.20 -10.78 -41.81
C THR A 425 -8.70 -10.58 -41.79
N THR A 426 -9.18 -9.76 -40.86
CA THR A 426 -10.62 -9.50 -40.79
C THR A 426 -11.12 -8.73 -42.02
N SER A 427 -10.30 -7.83 -42.55
CA SER A 427 -10.73 -7.06 -43.73
C SER A 427 -10.70 -7.93 -44.97
N PHE A 428 -9.71 -8.81 -45.02
CA PHE A 428 -9.59 -9.72 -46.14
C PHE A 428 -10.84 -10.61 -46.22
N PHE A 429 -11.15 -11.29 -45.13
CA PHE A 429 -12.30 -12.18 -45.13
C PHE A 429 -13.67 -11.57 -44.98
N PHE A 430 -13.77 -10.41 -44.34
CA PHE A 430 -15.06 -9.77 -44.15
C PHE A 430 -15.02 -8.34 -44.70
N PRO A 431 -14.89 -8.20 -46.04
CA PRO A 431 -14.83 -6.89 -46.70
C PRO A 431 -16.10 -6.05 -46.54
N GLN A 432 -17.24 -6.74 -46.59
CA GLN A 432 -18.54 -6.13 -46.45
C GLN A 432 -18.66 -5.52 -45.06
N LEU A 433 -18.53 -6.35 -44.04
CA LEU A 433 -18.61 -5.92 -42.66
C LEU A 433 -17.61 -4.82 -42.36
N THR A 434 -16.40 -4.99 -42.88
CA THR A 434 -15.35 -4.01 -42.68
C THR A 434 -15.69 -2.62 -43.25
N GLN A 435 -16.18 -2.55 -44.49
CA GLN A 435 -16.53 -1.25 -45.06
C GLN A 435 -17.72 -0.65 -44.32
N ASN A 436 -18.65 -1.50 -43.89
CA ASN A 436 -19.80 -1.03 -43.13
C ASN A 436 -19.33 -0.32 -41.88
N ASN A 437 -18.49 -0.98 -41.11
CA ASN A 437 -17.96 -0.43 -39.86
C ASN A 437 -17.19 0.87 -40.06
N SER A 438 -16.57 1.02 -41.22
CA SER A 438 -15.80 2.22 -41.53
C SER A 438 -16.74 3.41 -41.77
N ARG A 439 -17.86 3.14 -42.45
CA ARG A 439 -18.86 4.15 -42.79
C ARG A 439 -19.88 4.39 -41.67
N GLU A 440 -19.89 3.50 -40.67
CA GLU A 440 -20.83 3.62 -39.57
C GLU A 440 -20.29 4.61 -38.53
N PRO A 441 -21.08 5.65 -38.22
CA PRO A 441 -20.66 6.65 -37.23
C PRO A 441 -20.67 5.95 -35.86
N PRO A 442 -19.65 6.20 -35.04
CA PRO A 442 -19.54 5.59 -33.71
C PRO A 442 -20.82 5.74 -32.90
N VAL A 443 -21.14 4.70 -32.15
CA VAL A 443 -22.30 4.65 -31.27
C VAL A 443 -22.20 5.86 -30.31
N CYS A 444 -23.31 6.58 -30.11
CA CYS A 444 -23.28 7.74 -29.23
C CYS A 444 -23.22 7.36 -27.74
N PRO A 445 -22.84 8.31 -26.86
CA PRO A 445 -22.74 8.08 -25.40
C PRO A 445 -23.98 7.44 -24.78
N SER A 446 -25.16 8.00 -25.04
CA SER A 446 -26.39 7.46 -24.48
C SER A 446 -26.66 6.01 -24.93
N ASP A 447 -26.31 5.71 -26.19
CA ASP A 447 -26.49 4.36 -26.72
C ASP A 447 -25.58 3.41 -25.98
N GLU A 448 -24.33 3.81 -25.73
CA GLU A 448 -23.46 2.90 -25.00
C GLU A 448 -24.05 2.61 -23.61
N PHE A 449 -24.58 3.63 -22.96
CA PHE A 449 -25.18 3.49 -21.63
C PHE A 449 -26.37 2.55 -21.63
N GLU A 450 -27.25 2.72 -22.63
CA GLU A 450 -28.44 1.90 -22.74
C GLU A 450 -28.06 0.44 -23.00
N PHE A 451 -27.07 0.19 -23.85
CA PHE A 451 -26.64 -1.18 -24.08
C PHE A 451 -26.09 -1.76 -22.79
N TYR A 452 -25.21 -0.98 -22.11
CA TYR A 452 -24.60 -1.45 -20.88
C TYR A 452 -25.61 -1.81 -19.81
N ARG A 453 -26.56 -0.92 -19.59
CA ARG A 453 -27.57 -1.12 -18.57
C ARG A 453 -28.32 -2.45 -18.64
N LYS A 454 -28.42 -3.00 -19.85
CA LYS A 454 -29.15 -4.25 -20.10
C LYS A 454 -28.25 -5.47 -20.03
N GLU A 455 -26.99 -5.28 -19.70
CA GLU A 455 -26.02 -6.35 -19.63
C GLU A 455 -26.41 -7.35 -18.50
N ILE A 456 -26.30 -8.65 -18.78
CA ILE A 456 -26.60 -9.71 -17.80
C ILE A 456 -25.27 -10.41 -17.65
N VAL A 457 -24.62 -10.15 -16.52
CA VAL A 457 -23.30 -10.71 -16.25
C VAL A 457 -23.32 -11.53 -14.97
N ILE A 458 -22.81 -12.75 -15.08
CA ILE A 458 -22.81 -13.68 -13.98
C ILE A 458 -21.70 -13.44 -12.99
N LEU A 459 -22.06 -13.43 -11.72
CA LEU A 459 -21.08 -13.27 -10.67
C LEU A 459 -20.36 -14.62 -10.46
N SER A 460 -19.04 -14.62 -10.54
CA SER A 460 -18.24 -15.81 -10.29
C SER A 460 -17.15 -15.29 -9.37
N GLU A 461 -16.52 -16.15 -8.57
CA GLU A 461 -15.47 -15.64 -7.67
C GLU A 461 -14.20 -15.15 -8.36
N ASP A 462 -13.97 -15.63 -9.58
CA ASP A 462 -12.81 -15.18 -10.32
C ASP A 462 -13.19 -13.99 -11.23
N PHE A 463 -14.36 -13.40 -10.99
CA PHE A 463 -14.79 -12.24 -11.80
C PHE A 463 -13.86 -11.05 -11.54
N LYS A 464 -13.30 -10.48 -12.61
CA LYS A 464 -12.41 -9.33 -12.52
C LYS A 464 -13.01 -8.20 -13.38
N VAL A 465 -13.56 -7.20 -12.72
CA VAL A 465 -14.21 -6.09 -13.41
C VAL A 465 -13.39 -5.36 -14.49
N MSE A 466 -12.09 -5.19 -14.28
CA MSE A 466 -11.23 -4.49 -15.25
C MSE A 466 -11.13 -5.29 -16.56
O MSE A 466 -11.16 -4.72 -17.65
CB MSE A 466 -9.82 -4.27 -14.69
CG MSE A 466 -9.68 -3.37 -13.44
SE MSE A 466 -10.29 -1.52 -13.75
CE MSE A 466 -8.68 -0.84 -14.63
N GLU A 467 -11.06 -6.63 -16.44
CA GLU A 467 -10.94 -7.50 -17.61
C GLU A 467 -12.19 -7.48 -18.41
N TRP A 468 -13.32 -7.46 -17.70
CA TRP A 468 -14.58 -7.40 -18.37
C TRP A 468 -14.64 -6.13 -19.23
N TRP A 469 -14.37 -4.97 -18.64
CA TRP A 469 -14.41 -3.72 -19.42
C TRP A 469 -13.39 -3.68 -20.56
N ASN A 470 -12.17 -4.15 -20.29
CA ASN A 470 -11.10 -4.16 -21.29
C ASN A 470 -11.50 -5.01 -22.49
N LEU A 471 -12.12 -6.15 -22.22
CA LEU A 471 -12.53 -7.03 -23.30
C LEU A 471 -13.77 -6.50 -24.00
N ASN A 472 -14.48 -5.61 -23.34
CA ASN A 472 -15.65 -5.04 -23.96
C ASN A 472 -15.43 -3.63 -24.49
N SER A 473 -14.17 -3.29 -24.71
CA SER A 473 -13.82 -1.96 -25.17
C SER A 473 -14.34 -1.56 -26.56
N LYS A 474 -14.47 -2.52 -27.47
CA LYS A 474 -14.96 -2.22 -28.82
C LYS A 474 -16.44 -1.99 -28.77
N LYS A 475 -17.12 -2.72 -27.89
CA LYS A 475 -18.54 -2.57 -27.76
C LYS A 475 -18.88 -1.25 -27.05
N TYR A 476 -18.02 -0.87 -26.11
CA TYR A 476 -18.19 0.37 -25.33
C TYR A 476 -16.91 1.20 -25.44
N PRO A 477 -16.65 1.80 -26.61
CA PRO A 477 -15.44 2.61 -26.80
C PRO A 477 -15.27 3.72 -25.77
N LYS A 478 -16.29 4.52 -25.57
CA LYS A 478 -16.21 5.63 -24.61
C LYS A 478 -16.56 5.22 -23.16
N LEU A 479 -17.62 4.43 -22.99
CA LEU A 479 -18.00 3.99 -21.65
C LEU A 479 -16.90 3.13 -21.03
N SER A 480 -16.21 2.30 -21.81
CA SER A 480 -15.18 1.50 -21.20
C SER A 480 -14.02 2.37 -20.69
N LYS A 481 -13.68 3.41 -21.45
CA LYS A 481 -12.62 4.34 -21.03
C LYS A 481 -13.01 4.96 -19.69
N LEU A 482 -14.27 5.35 -19.58
CA LEU A 482 -14.78 5.95 -18.36
C LEU A 482 -14.75 4.94 -17.20
N ALA A 483 -15.29 3.75 -17.42
CA ALA A 483 -15.33 2.72 -16.40
C ALA A 483 -13.94 2.32 -15.91
N LEU A 484 -13.01 2.10 -16.82
CA LEU A 484 -11.65 1.72 -16.44
C LEU A 484 -10.97 2.81 -15.62
N SER A 485 -11.05 4.04 -16.08
CA SER A 485 -10.42 5.08 -15.31
C SER A 485 -11.17 5.28 -13.96
N LEU A 486 -12.50 5.21 -13.96
CA LEU A 486 -13.20 5.40 -12.69
C LEU A 486 -12.94 4.29 -11.68
N LEU A 487 -12.90 3.05 -12.16
CA LEU A 487 -12.66 1.91 -11.30
C LEU A 487 -11.24 1.85 -10.79
N SER A 488 -10.34 2.65 -11.37
CA SER A 488 -8.95 2.70 -10.93
C SER A 488 -8.75 3.70 -9.75
N ILE A 489 -9.78 4.44 -9.37
CA ILE A 489 -9.68 5.40 -8.26
C ILE A 489 -9.84 4.59 -6.96
N PRO A 490 -8.83 4.63 -6.07
CA PRO A 490 -8.93 3.87 -4.82
C PRO A 490 -9.99 4.46 -3.88
N ALA A 491 -10.62 3.58 -3.12
CA ALA A 491 -11.65 3.95 -2.15
C ALA A 491 -11.04 4.56 -0.88
N SER A 492 -9.75 4.31 -0.65
CA SER A 492 -9.08 4.80 0.57
C SER A 492 -7.88 5.70 0.35
N SER A 493 -7.74 6.74 1.19
CA SER A 493 -6.61 7.67 1.07
C SER A 493 -5.39 6.94 1.62
N ALA A 494 -5.59 5.82 2.31
CA ALA A 494 -4.47 5.07 2.89
C ALA A 494 -4.09 3.85 2.03
N ALA A 495 -4.44 3.90 0.75
CA ALA A 495 -4.11 2.83 -0.17
C ALA A 495 -2.63 2.46 -0.13
N SER A 496 -1.71 3.43 -0.02
CA SER A 496 -0.26 3.10 -0.02
C SER A 496 0.32 2.91 1.37
N GLU A 497 -0.53 2.96 2.39
CA GLU A 497 -0.02 2.87 3.74
C GLU A 497 0.80 1.63 4.07
N ARG A 498 0.60 0.53 3.35
CA ARG A 498 1.39 -0.66 3.63
C ARG A 498 2.88 -0.39 3.29
N THR A 499 3.12 0.35 2.21
CA THR A 499 4.49 0.66 1.82
C THR A 499 5.05 1.71 2.77
N PHE A 500 4.25 2.72 3.11
CA PHE A 500 4.71 3.76 4.03
C PHE A 500 5.15 3.17 5.37
N SER A 501 4.43 2.13 5.80
CA SER A 501 4.75 1.47 7.05
C SER A 501 6.08 0.74 6.92
N LEU A 502 6.30 0.07 5.79
CA LEU A 502 7.57 -0.63 5.59
C LEU A 502 8.75 0.37 5.56
N ALA A 503 8.48 1.61 5.18
CA ALA A 503 9.52 2.62 5.10
C ALA A 503 9.75 3.40 6.41
N GLY A 504 9.01 3.04 7.47
CA GLY A 504 9.15 3.75 8.73
C GLY A 504 10.59 3.85 9.25
N ASN A 505 11.33 2.78 9.09
CA ASN A 505 12.72 2.71 9.53
C ASN A 505 13.61 3.78 8.86
N ILE A 506 13.51 3.89 7.54
CA ILE A 506 14.32 4.86 6.84
C ILE A 506 13.81 6.30 6.88
N ILE A 507 12.62 6.52 7.41
CA ILE A 507 12.11 7.90 7.48
C ILE A 507 12.22 8.48 8.88
N THR A 508 12.34 7.64 9.90
CA THR A 508 12.35 8.11 11.28
C THR A 508 13.56 7.86 12.18
N GLU A 509 14.09 6.64 12.16
CA GLU A 509 15.22 6.30 13.03
C GLU A 509 16.48 7.06 12.64
N LYS A 510 17.08 7.76 13.60
CA LYS A 510 18.25 8.57 13.31
C LYS A 510 19.39 7.85 12.57
N ARG A 511 19.81 6.70 13.12
CA ARG A 511 20.89 5.90 12.57
C ARG A 511 20.59 5.39 11.13
N ASN A 512 19.31 5.14 10.86
CA ASN A 512 18.88 4.58 9.57
C ASN A 512 18.15 5.51 8.61
N ARG A 513 17.89 6.72 9.09
CA ARG A 513 17.16 7.73 8.38
C ARG A 513 17.83 8.27 7.09
N ILE A 514 17.14 8.22 5.96
CA ILE A 514 17.74 8.78 4.75
C ILE A 514 17.08 10.15 4.49
N GLY A 515 17.71 10.97 3.65
CA GLY A 515 17.14 12.29 3.40
C GLY A 515 15.84 12.30 2.65
N GLN A 516 15.10 13.39 2.78
CA GLN A 516 13.79 13.58 2.12
C GLN A 516 13.78 13.26 0.61
N GLN A 517 14.72 13.83 -0.15
CA GLN A 517 14.75 13.57 -1.60
C GLN A 517 14.93 12.09 -1.91
N THR A 518 15.84 11.41 -1.20
CA THR A 518 16.06 9.97 -1.48
C THR A 518 14.91 9.12 -1.00
N VAL A 519 14.19 9.55 0.03
CA VAL A 519 13.00 8.83 0.48
C VAL A 519 12.00 8.83 -0.70
N ASP A 520 11.83 9.98 -1.33
CA ASP A 520 10.90 10.08 -2.47
C ASP A 520 11.37 9.25 -3.64
N SER A 521 12.67 9.30 -3.92
CA SER A 521 13.23 8.52 -5.00
C SER A 521 13.12 7.01 -4.70
N LEU A 522 13.35 6.64 -3.46
CA LEU A 522 13.30 5.23 -3.13
C LEU A 522 11.89 4.65 -3.21
N LEU A 523 10.92 5.40 -2.71
CA LEU A 523 9.50 4.98 -2.72
C LEU A 523 8.96 4.90 -4.15
N PHE A 524 9.32 5.87 -4.96
CA PHE A 524 8.87 5.86 -6.34
C PHE A 524 9.46 4.63 -7.06
N LEU A 525 10.74 4.38 -6.83
CA LEU A 525 11.44 3.28 -7.46
C LEU A 525 10.89 1.94 -7.03
N ASN A 526 10.59 1.82 -5.73
CA ASN A 526 10.01 0.59 -5.16
C ASN A 526 8.64 0.37 -5.85
N SER A 527 7.85 1.44 -5.99
CA SER A 527 6.55 1.23 -6.62
C SER A 527 6.73 0.93 -8.12
N PHE A 528 7.77 1.48 -8.75
CA PHE A 528 8.02 1.24 -10.16
C PHE A 528 8.34 -0.25 -10.39
N TYR A 529 9.24 -0.80 -9.58
CA TYR A 529 9.61 -2.23 -9.70
C TYR A 529 8.37 -3.12 -9.50
N LYS A 530 7.59 -2.82 -8.48
CA LYS A 530 6.38 -3.58 -8.16
C LYS A 530 5.36 -3.57 -9.33
N ASN A 531 5.21 -2.42 -9.93
CA ASN A 531 4.28 -2.27 -11.05
C ASN A 531 4.76 -2.76 -12.41
N PHE A 532 6.00 -2.43 -12.74
CA PHE A 532 6.51 -2.72 -14.08
C PHE A 532 7.53 -3.82 -14.26
N CYS A 533 8.10 -4.31 -13.17
CA CYS A 533 9.14 -5.33 -13.29
C CYS A 533 8.77 -6.64 -12.62
N LYS A 534 7.48 -7.00 -12.67
CA LYS A 534 6.97 -8.24 -12.06
C LYS A 534 7.00 -8.18 -10.52
N SER B 1 41.52 -4.88 5.87
CA SER B 1 42.60 -4.59 6.82
C SER B 1 43.92 -4.29 6.11
N HIS B 2 45.02 -4.85 6.58
CA HIS B 2 46.33 -4.60 5.97
C HIS B 2 46.63 -5.53 4.80
N MSE B 3 47.02 -4.93 3.69
CA MSE B 3 47.37 -5.65 2.47
C MSE B 3 48.55 -6.58 2.71
O MSE B 3 49.55 -6.19 3.33
CB MSE B 3 47.71 -4.63 1.37
CG MSE B 3 48.37 -5.18 0.12
SE MSE B 3 48.91 -3.73 -1.08
CE MSE B 3 50.54 -3.17 -0.22
N GLN B 4 48.42 -7.83 2.30
CA GLN B 4 49.49 -8.80 2.49
C GLN B 4 50.29 -8.94 1.18
N SER B 5 51.27 -9.84 1.17
CA SER B 5 52.06 -10.05 -0.02
C SER B 5 51.16 -10.58 -1.15
N ARG B 6 50.31 -11.56 -0.85
CA ARG B 6 49.40 -12.06 -1.87
C ARG B 6 48.04 -11.40 -1.62
N GLU B 7 47.75 -10.41 -2.47
CA GLU B 7 46.52 -9.64 -2.39
C GLU B 7 45.24 -10.42 -2.71
N LEU B 8 44.14 -9.99 -2.10
CA LEU B 8 42.82 -10.59 -2.32
C LEU B 8 42.40 -10.15 -3.72
N LYS B 9 41.56 -10.96 -4.36
CA LYS B 9 41.12 -10.69 -5.73
C LYS B 9 40.24 -9.49 -5.98
N THR B 10 40.56 -8.77 -7.06
CA THR B 10 39.76 -7.63 -7.48
C THR B 10 38.89 -8.18 -8.62
N VAL B 11 37.59 -7.87 -8.58
CA VAL B 11 36.68 -8.36 -9.61
C VAL B 11 36.67 -7.47 -10.86
N SER B 12 36.00 -7.91 -11.93
CA SER B 12 35.95 -7.12 -13.16
C SER B 12 35.14 -5.87 -12.94
N ALA B 13 35.23 -4.95 -13.90
CA ALA B 13 34.46 -3.71 -13.85
C ALA B 13 32.96 -4.04 -13.90
N ASP B 14 32.56 -4.96 -14.80
CA ASP B 14 31.16 -5.34 -14.89
C ASP B 14 30.64 -5.89 -13.57
N CYS B 15 31.48 -6.62 -12.86
CA CYS B 15 31.08 -7.19 -11.58
C CYS B 15 30.82 -6.07 -10.55
N LYS B 16 31.74 -5.12 -10.48
CA LYS B 16 31.61 -4.01 -9.56
C LYS B 16 30.30 -3.24 -9.85
N LYS B 17 30.03 -3.02 -11.13
CA LYS B 17 28.83 -2.33 -11.57
C LYS B 17 27.58 -3.07 -11.13
N GLU B 18 27.58 -4.39 -11.31
CA GLU B 18 26.45 -5.22 -10.92
C GLU B 18 26.25 -5.25 -9.40
N ALA B 19 27.33 -5.21 -8.63
CA ALA B 19 27.24 -5.20 -7.16
C ALA B 19 26.53 -3.94 -6.71
N ILE B 20 26.80 -2.82 -7.38
CA ILE B 20 26.11 -1.56 -7.05
C ILE B 20 24.63 -1.74 -7.37
N GLU B 21 24.32 -2.29 -8.53
CA GLU B 21 22.92 -2.48 -8.91
C GLU B 21 22.16 -3.38 -7.94
N LYS B 22 22.75 -4.53 -7.58
CA LYS B 22 22.09 -5.49 -6.65
C LYS B 22 21.86 -4.92 -5.26
N CYS B 23 22.87 -4.24 -4.71
CA CYS B 23 22.73 -3.64 -3.40
C CYS B 23 21.71 -2.48 -3.42
N ALA B 24 21.72 -1.68 -4.49
CA ALA B 24 20.75 -0.58 -4.61
C ALA B 24 19.31 -1.16 -4.66
N GLN B 25 19.13 -2.23 -5.43
CA GLN B 25 17.81 -2.88 -5.55
C GLN B 25 17.40 -3.49 -4.22
N TRP B 26 18.38 -3.97 -3.47
CA TRP B 26 18.08 -4.51 -2.14
C TRP B 26 17.50 -3.41 -1.24
N VAL B 27 18.18 -2.28 -1.12
CA VAL B 27 17.67 -1.22 -0.26
C VAL B 27 16.34 -0.61 -0.75
N VAL B 28 16.14 -0.52 -2.04
CA VAL B 28 14.88 0.03 -2.60
C VAL B 28 13.71 -0.96 -2.37
N ARG B 29 13.89 -2.23 -2.75
CA ARG B 29 12.83 -3.24 -2.61
C ARG B 29 12.45 -3.62 -1.21
N ASP B 30 13.43 -3.63 -0.30
CA ASP B 30 13.20 -4.02 1.08
C ASP B 30 13.19 -2.85 2.05
N CYS B 31 13.40 -1.63 1.55
CA CYS B 31 13.41 -0.45 2.41
C CYS B 31 14.43 -0.50 3.54
N ARG B 32 15.68 -0.63 3.16
CA ARG B 32 16.82 -0.68 4.08
C ARG B 32 17.62 0.61 3.95
N PRO B 33 18.27 1.08 5.03
CA PRO B 33 19.06 2.30 4.97
C PRO B 33 20.30 2.04 4.11
N PHE B 34 20.86 3.08 3.49
CA PHE B 34 22.07 2.91 2.68
C PHE B 34 23.23 2.42 3.58
N SER B 35 23.19 2.83 4.84
CA SER B 35 24.22 2.40 5.80
C SER B 35 24.25 0.90 6.11
N ALA B 36 23.24 0.14 5.67
CA ALA B 36 23.24 -1.30 5.95
C ALA B 36 24.42 -2.02 5.27
N VAL B 37 24.95 -1.44 4.17
CA VAL B 37 26.06 -2.11 3.48
C VAL B 37 27.41 -1.94 4.13
N SER B 38 27.52 -1.09 5.13
CA SER B 38 28.81 -0.89 5.76
C SER B 38 28.92 -1.64 7.10
N GLY B 39 27.86 -2.34 7.45
CA GLY B 39 27.84 -3.07 8.71
C GLY B 39 28.89 -4.17 8.79
N SER B 40 29.53 -4.27 9.95
CA SER B 40 30.53 -5.32 10.18
C SER B 40 29.91 -6.73 10.14
N GLY B 41 28.71 -6.88 10.69
CA GLY B 41 28.01 -8.16 10.66
C GLY B 41 27.60 -8.45 9.22
N PHE B 42 27.23 -7.40 8.52
CA PHE B 42 26.83 -7.56 7.13
C PHE B 42 27.98 -8.06 6.27
N ILE B 43 29.14 -7.41 6.40
CA ILE B 43 30.32 -7.77 5.64
C ILE B 43 30.78 -9.22 5.91
N ASP B 44 30.79 -9.61 7.17
CA ASP B 44 31.14 -10.98 7.50
C ASP B 44 30.17 -11.97 6.89
N MSE B 45 28.89 -11.61 6.82
CA MSE B 45 27.88 -12.48 6.22
C MSE B 45 28.12 -12.62 4.72
O MSE B 45 28.07 -13.72 4.14
CB MSE B 45 26.47 -11.98 6.54
CG MSE B 45 25.36 -12.80 5.88
SE MSE B 45 23.57 -12.11 6.19
CE MSE B 45 23.80 -10.34 5.37
N ILE B 46 28.38 -11.49 4.07
CA ILE B 46 28.64 -11.48 2.63
C ILE B 46 29.91 -12.32 2.33
N LYS B 47 30.93 -12.27 3.21
CA LYS B 47 32.14 -13.06 2.97
C LYS B 47 31.79 -14.54 2.99
N PHE B 48 30.86 -14.91 3.86
CA PHE B 48 30.41 -16.30 3.96
C PHE B 48 29.71 -16.73 2.68
N PHE B 49 28.82 -15.88 2.16
CA PHE B 49 28.09 -16.25 0.96
C PHE B 49 28.97 -16.38 -0.25
N ILE B 50 30.05 -15.61 -0.29
CA ILE B 50 31.04 -15.72 -1.38
C ILE B 50 31.71 -17.11 -1.28
N LYS B 51 32.00 -17.52 -0.04
CA LYS B 51 32.61 -18.82 0.22
C LYS B 51 31.62 -19.93 -0.21
N VAL B 52 30.34 -19.74 0.06
CA VAL B 52 29.34 -20.71 -0.38
C VAL B 52 29.42 -20.85 -1.91
N GLY B 53 29.43 -19.73 -2.64
CA GLY B 53 29.54 -19.80 -4.10
C GLY B 53 30.85 -20.47 -4.57
N ALA B 54 31.95 -20.16 -3.90
CA ALA B 54 33.23 -20.76 -4.27
C ALA B 54 33.17 -22.29 -4.15
N GLU B 55 32.39 -22.79 -3.18
CA GLU B 55 32.25 -24.23 -2.97
C GLU B 55 31.20 -24.93 -3.83
N TYR B 56 29.98 -24.40 -3.87
CA TYR B 56 28.89 -25.03 -4.61
C TYR B 56 28.62 -24.49 -6.02
N GLY B 57 29.21 -23.37 -6.36
CA GLY B 57 28.96 -22.80 -7.66
C GLY B 57 27.80 -21.84 -7.55
N ASP B 58 27.46 -21.24 -8.69
CA ASP B 58 26.41 -20.24 -8.88
C ASP B 58 25.01 -20.74 -8.48
N HIS B 59 24.65 -21.95 -8.89
CA HIS B 59 23.31 -22.47 -8.65
C HIS B 59 22.90 -23.08 -7.31
N VAL B 60 23.02 -22.30 -6.26
CA VAL B 60 22.65 -22.74 -4.91
C VAL B 60 21.19 -22.39 -4.64
N ASN B 61 20.48 -23.25 -3.90
CA ASN B 61 19.09 -22.97 -3.56
C ASN B 61 19.13 -22.02 -2.36
N VAL B 62 19.05 -20.72 -2.64
CA VAL B 62 19.14 -19.71 -1.58
C VAL B 62 17.96 -19.67 -0.64
N GLU B 63 16.75 -19.78 -1.20
CA GLU B 63 15.56 -19.75 -0.38
C GLU B 63 15.60 -20.85 0.68
N GLU B 64 16.13 -22.02 0.31
CA GLU B 64 16.22 -23.14 1.25
C GLU B 64 17.30 -22.90 2.30
N LEU B 65 18.46 -22.45 1.85
CA LEU B 65 19.62 -22.15 2.68
C LEU B 65 19.36 -21.10 3.77
N LEU B 66 18.62 -20.04 3.45
CA LEU B 66 18.36 -18.97 4.43
C LEU B 66 17.28 -19.32 5.41
N PRO B 67 17.44 -18.91 6.68
CA PRO B 67 16.39 -19.22 7.66
C PRO B 67 15.24 -18.23 7.48
N SER B 68 14.07 -18.56 7.97
CA SER B 68 12.95 -17.63 7.87
C SER B 68 13.11 -16.63 9.04
N PRO B 69 12.37 -15.51 9.01
CA PRO B 69 12.52 -14.56 10.13
C PRO B 69 12.23 -15.23 11.49
N ILE B 70 11.17 -16.02 11.58
CA ILE B 70 10.87 -16.68 12.85
C ILE B 70 11.98 -17.65 13.28
N THR B 71 12.53 -18.38 12.32
CA THR B 71 13.59 -19.33 12.66
C THR B 71 14.82 -18.56 13.17
N LEU B 72 15.09 -17.41 12.55
CA LEU B 72 16.22 -16.58 12.93
C LEU B 72 16.00 -15.97 14.33
N SER B 73 14.80 -15.48 14.56
CA SER B 73 14.45 -14.89 15.85
C SER B 73 14.70 -15.94 16.93
N ARG B 74 14.22 -17.16 16.68
CA ARG B 74 14.38 -18.26 17.65
C ARG B 74 15.85 -18.55 17.90
N LYS B 75 16.65 -18.45 16.84
CA LYS B 75 18.07 -18.70 16.96
C LYS B 75 18.73 -17.63 17.83
N VAL B 76 18.37 -16.37 17.61
CA VAL B 76 18.94 -15.26 18.38
C VAL B 76 18.53 -15.38 19.85
N THR B 77 17.27 -15.75 20.08
CA THR B 77 16.75 -15.93 21.44
C THR B 77 17.46 -17.05 22.20
N SER B 78 17.65 -18.21 21.56
CA SER B 78 18.34 -19.32 22.23
C SER B 78 19.80 -18.97 22.44
N ASP B 79 20.41 -18.28 21.48
CA ASP B 79 21.81 -17.85 21.63
C ASP B 79 21.92 -16.97 22.88
N ALA B 80 20.92 -16.11 23.08
CA ALA B 80 20.87 -15.20 24.23
C ALA B 80 20.72 -16.00 25.53
N LYS B 81 19.77 -16.93 25.52
CA LYS B 81 19.52 -17.78 26.69
C LYS B 81 20.71 -18.65 27.06
N GLU B 82 21.71 -18.71 26.18
CA GLU B 82 22.91 -19.48 26.43
C GLU B 82 23.71 -18.87 27.59
N LYS B 83 23.34 -17.65 27.99
CA LYS B 83 24.01 -16.98 29.11
C LYS B 83 23.35 -17.36 30.45
N ALA B 84 23.26 -18.66 30.69
CA ALA B 84 22.67 -19.21 31.91
C ALA B 84 23.80 -19.64 32.84
#